data_8WKD
#
_entry.id   8WKD
#
_cell.length_a   54.100
_cell.length_b   100.970
_cell.length_c   32.600
_cell.angle_alpha   90.00
_cell.angle_beta   90.00
_cell.angle_gamma   90.00
#
_symmetry.space_group_name_H-M   'P 21 21 2'
#
loop_
_entity.id
_entity.type
_entity.pdbx_description
1 polymer 'DUF2121 domain-containing protein'
2 polymer 'Tetrahydromethanopterin S-methyltransferase subunit A'
3 water water
#
loop_
_entity_poly.entity_id
_entity_poly.type
_entity_poly.pdbx_seq_one_letter_code
_entity_poly.pdbx_strand_id
1 'polypeptide(L)'
;ALVIAFIGKNGAVMAGDMREITFEGEKPDREKLEKELYSGSIVTDEEMQKKAEEFGVKITVADCKEKVSERNGVLVGEVS
SAEGGVVKKRRLYASAGNFAIAELINTEMTLTSQGKGSNFIAFGNEFTKQVANKCFKDNWTKKSNLQDAVKILILCMETV
ARKTASVSKQFMIVQTASNADVLKVVEKDRNS
;
A
2 'polypeptide(L)' RELASKDPGAVDAKPLVVEI C
#
# COMPACT_ATOMS: atom_id res chain seq x y z
N ALA A 1 -0.16 -0.88 -6.66
CA ALA A 1 0.44 -0.27 -5.45
C ALA A 1 0.31 -1.21 -4.24
N LEU A 2 1.21 -1.03 -3.25
CA LEU A 2 1.21 -1.88 -2.09
C LEU A 2 1.93 -1.28 -0.90
N VAL A 3 1.19 -1.15 0.21
CA VAL A 3 1.76 -0.76 1.49
C VAL A 3 1.39 -1.88 2.43
N ILE A 4 2.37 -2.43 3.13
CA ILE A 4 2.13 -3.48 4.12
C ILE A 4 2.82 -3.13 5.44
N ALA A 5 2.26 -3.61 6.54
CA ALA A 5 2.80 -3.35 7.86
C ALA A 5 2.58 -4.49 8.79
N PHE A 6 3.50 -4.63 9.72
CA PHE A 6 3.37 -5.59 10.79
C PHE A 6 3.40 -4.79 12.09
N ILE A 7 2.42 -5.01 12.94
CA ILE A 7 2.37 -4.36 14.23
C ILE A 7 2.56 -5.43 15.26
N GLY A 8 3.55 -5.25 16.10
CA GLY A 8 3.83 -6.17 17.17
C GLY A 8 3.77 -5.50 18.52
N LYS A 9 3.99 -6.28 19.57
CA LYS A 9 4.01 -5.76 20.94
C LYS A 9 5.19 -4.80 21.18
N ASN A 10 6.33 -5.00 20.48
CA ASN A 10 7.51 -4.16 20.70
C ASN A 10 7.83 -3.16 19.61
N GLY A 11 6.99 -3.06 18.59
CA GLY A 11 7.22 -2.12 17.52
C GLY A 11 6.42 -2.41 16.28
N ALA A 12 6.72 -1.70 15.21
CA ALA A 12 6.00 -1.86 13.97
C ALA A 12 6.93 -1.67 12.78
N VAL A 13 6.66 -2.43 11.71
CA VAL A 13 7.45 -2.32 10.51
C VAL A 13 6.50 -2.04 9.34
N MET A 14 6.93 -1.21 8.41
CA MET A 14 6.08 -0.83 7.30
C MET A 14 6.90 -0.74 5.98
N ALA A 15 6.40 -1.34 4.92
CA ALA A 15 7.04 -1.33 3.63
C ALA A 15 6.09 -0.82 2.54
N GLY A 16 6.62 -0.10 1.58
CA GLY A 16 5.82 0.42 0.50
C GLY A 16 6.57 0.42 -0.80
N ASP A 17 5.89 0.15 -1.92
CA ASP A 17 6.56 0.21 -3.23
C ASP A 17 6.69 1.71 -3.65
N MET A 18 7.33 1.98 -4.77
CA MET A 18 7.57 3.36 -5.18
C MET A 18 6.93 3.74 -6.52
N ARG A 19 6.10 2.84 -7.10
CA ARG A 19 5.50 3.05 -8.39
C ARG A 19 4.27 3.98 -8.39
N GLU A 20 4.27 4.91 -9.33
CA GLU A 20 3.20 5.85 -9.57
C GLU A 20 2.90 5.76 -11.07
N ILE A 21 1.65 5.48 -11.43
CA ILE A 21 1.28 5.32 -12.83
C ILE A 21 0.27 6.34 -13.23
N THR A 22 0.52 7.05 -14.32
CA THR A 22 -0.47 7.98 -14.84
C THR A 22 -0.98 7.44 -16.17
N PHE A 23 -2.27 7.62 -16.42
CA PHE A 23 -2.89 7.17 -17.65
C PHE A 23 -3.46 8.38 -18.38
N GLU A 24 -3.43 8.33 -19.71
CA GLU A 24 -4.00 9.40 -20.52
C GLU A 24 -4.65 8.76 -21.73
N GLY A 25 -5.88 9.14 -22.01
CA GLY A 25 -6.66 8.60 -23.12
C GLY A 25 -8.13 8.47 -22.79
N GLU A 26 -8.93 7.98 -23.74
CA GLU A 26 -10.36 7.80 -23.53
C GLU A 26 -10.65 6.93 -22.30
N LYS A 27 -11.73 7.28 -21.56
CA LYS A 27 -12.15 6.59 -20.34
C LYS A 27 -12.43 5.07 -20.52
N PRO A 28 -13.16 4.59 -21.56
CA PRO A 28 -13.35 3.13 -21.70
C PRO A 28 -12.04 2.38 -21.90
N ASP A 29 -11.08 3.02 -22.58
CA ASP A 29 -9.78 2.45 -22.88
C ASP A 29 -8.91 2.36 -21.60
N ARG A 30 -8.86 3.47 -20.83
CA ARG A 30 -8.13 3.51 -19.57
C ARG A 30 -8.68 2.46 -18.60
N GLU A 31 -10.02 2.37 -18.50
CA GLU A 31 -10.71 1.39 -17.66
C GLU A 31 -10.38 -0.06 -18.04
N LYS A 32 -10.22 -0.35 -19.35
CA LYS A 32 -9.88 -1.68 -19.81
C LYS A 32 -8.43 -2.04 -19.42
N LEU A 33 -7.50 -1.08 -19.57
CA LEU A 33 -6.11 -1.31 -19.20
C LEU A 33 -5.99 -1.50 -17.68
N GLU A 34 -6.63 -0.63 -16.90
CA GLU A 34 -6.63 -0.70 -15.44
C GLU A 34 -7.05 -2.09 -14.95
N LYS A 35 -8.18 -2.59 -15.45
CA LYS A 35 -8.68 -3.91 -15.09
C LYS A 35 -7.59 -4.98 -15.33
N GLU A 36 -6.93 -4.96 -16.49
CA GLU A 36 -5.88 -5.94 -16.80
C GLU A 36 -4.66 -5.79 -15.89
N LEU A 37 -4.31 -4.55 -15.51
CA LEU A 37 -3.14 -4.29 -14.69
C LEU A 37 -3.38 -4.65 -13.22
N TYR A 38 -4.55 -4.32 -12.67
CA TYR A 38 -4.85 -4.60 -11.27
C TYR A 38 -5.33 -6.05 -11.02
N SER A 39 -5.38 -6.88 -12.07
CA SER A 39 -5.79 -8.27 -11.92
C SER A 39 -4.61 -9.27 -11.87
N GLY A 40 -3.38 -8.79 -12.03
CA GLY A 40 -2.21 -9.66 -12.08
C GLY A 40 -1.91 -10.17 -13.50
N SER A 41 -2.71 -9.76 -14.50
CA SER A 41 -2.55 -10.17 -15.90
C SER A 41 -1.25 -9.65 -16.48
N ILE A 42 -0.92 -8.38 -16.20
CA ILE A 42 0.30 -7.78 -16.71
C ILE A 42 1.41 -7.94 -15.67
N VAL A 43 2.37 -8.82 -15.96
CA VAL A 43 3.48 -9.14 -15.07
C VAL A 43 4.70 -8.24 -15.23
N THR A 44 5.12 -7.96 -16.47
CA THR A 44 6.33 -7.18 -16.71
C THR A 44 6.04 -5.75 -17.20
N ASP A 45 7.04 -4.86 -17.11
CA ASP A 45 6.92 -3.50 -17.63
C ASP A 45 6.86 -3.51 -19.16
N GLU A 46 7.43 -4.55 -19.79
CA GLU A 46 7.41 -4.79 -21.23
C GLU A 46 5.96 -5.07 -21.66
N GLU A 47 5.26 -6.02 -20.98
CA GLU A 47 3.87 -6.36 -21.29
C GLU A 47 2.92 -5.21 -21.02
N MET A 48 3.27 -4.32 -20.09
CA MET A 48 2.46 -3.15 -19.77
C MET A 48 2.46 -2.16 -20.93
N GLN A 49 3.63 -1.91 -21.49
CA GLN A 49 3.72 -0.95 -22.63
C GLN A 49 3.05 -1.55 -23.86
N LYS A 50 3.21 -2.86 -24.09
CA LYS A 50 2.54 -3.49 -25.23
C LYS A 50 1.02 -3.40 -25.07
N LYS A 51 0.49 -3.57 -23.84
CA LYS A 51 -0.96 -3.46 -23.62
C LYS A 51 -1.47 -2.04 -23.77
N ALA A 52 -0.72 -1.03 -23.27
CA ALA A 52 -1.10 0.37 -23.38
C ALA A 52 -1.22 0.75 -24.87
N GLU A 53 -0.27 0.28 -25.70
CA GLU A 53 -0.25 0.53 -27.13
C GLU A 53 -1.53 -0.06 -27.74
N GLU A 54 -1.79 -1.35 -27.44
CA GLU A 54 -2.97 -2.09 -27.89
C GLU A 54 -4.25 -1.35 -27.60
N PHE A 55 -4.43 -0.87 -26.36
CA PHE A 55 -5.64 -0.14 -26.01
C PHE A 55 -5.61 1.37 -26.33
N GLY A 56 -4.53 1.84 -26.92
CA GLY A 56 -4.38 3.25 -27.27
C GLY A 56 -4.32 4.18 -26.08
N VAL A 57 -3.66 3.75 -24.99
CA VAL A 57 -3.50 4.52 -23.77
C VAL A 57 -2.03 4.88 -23.58
N LYS A 58 -1.73 6.17 -23.40
CA LYS A 58 -0.36 6.58 -23.13
C LYS A 58 -0.12 6.42 -21.60
N ILE A 59 0.93 5.71 -21.20
CA ILE A 59 1.21 5.49 -19.77
C ILE A 59 2.60 5.97 -19.34
N THR A 60 2.66 6.74 -18.25
CA THR A 60 3.95 7.16 -17.69
C THR A 60 4.11 6.43 -16.35
N VAL A 61 5.28 5.85 -16.14
CA VAL A 61 5.55 5.12 -14.91
C VAL A 61 6.67 5.82 -14.16
N ALA A 62 6.48 6.17 -12.88
CA ALA A 62 7.54 6.81 -12.10
C ALA A 62 7.83 5.92 -10.89
N ASP A 63 9.10 5.50 -10.68
CA ASP A 63 9.41 4.60 -9.59
C ASP A 63 10.24 5.21 -8.44
N CYS A 64 9.91 6.42 -8.01
CA CYS A 64 10.61 7.06 -6.90
C CYS A 64 9.64 7.69 -5.90
N LYS A 65 8.43 7.14 -5.73
CA LYS A 65 7.47 7.72 -4.80
C LYS A 65 7.61 7.14 -3.40
N GLU A 66 8.03 7.96 -2.44
CA GLU A 66 8.11 7.52 -1.04
C GLU A 66 6.68 7.48 -0.48
N LYS A 67 6.20 6.26 -0.21
CA LYS A 67 4.88 5.94 0.29
C LYS A 67 4.86 5.69 1.79
N VAL A 68 6.02 5.61 2.44
CA VAL A 68 6.08 5.41 3.88
C VAL A 68 7.07 6.41 4.47
N SER A 69 6.81 6.85 5.68
CA SER A 69 7.67 7.75 6.41
C SER A 69 7.48 7.53 7.93
N GLU A 70 8.30 8.19 8.74
CA GLU A 70 8.23 8.08 10.16
C GLU A 70 8.27 9.45 10.79
N ARG A 71 7.14 9.83 11.43
CA ARG A 71 6.92 11.09 12.11
C ARG A 71 6.63 10.85 13.59
N ASN A 72 7.55 11.28 14.50
CA ASN A 72 7.38 11.22 15.95
C ASN A 72 7.22 9.81 16.52
N GLY A 73 7.95 8.86 15.98
CA GLY A 73 7.82 7.47 16.40
C GLY A 73 6.63 6.74 15.80
N VAL A 74 5.84 7.42 14.97
CA VAL A 74 4.70 6.81 14.31
C VAL A 74 5.05 6.58 12.83
N LEU A 75 4.78 5.39 12.29
CA LEU A 75 5.01 5.13 10.86
C LEU A 75 3.75 5.50 10.12
N VAL A 76 3.89 6.14 8.97
CA VAL A 76 2.74 6.56 8.16
C VAL A 76 2.94 6.04 6.72
N GLY A 77 1.98 5.22 6.26
CA GLY A 77 1.94 4.68 4.91
C GLY A 77 0.75 5.21 4.15
N GLU A 78 0.92 5.48 2.84
CA GLU A 78 -0.20 6.01 2.08
C GLU A 78 -0.26 5.52 0.65
N VAL A 79 -1.47 5.23 0.22
CA VAL A 79 -1.81 4.88 -1.15
C VAL A 79 -2.83 5.95 -1.62
N SER A 80 -2.74 6.39 -2.87
CA SER A 80 -3.63 7.44 -3.38
C SER A 80 -3.98 7.27 -4.86
N SER A 81 -5.11 7.84 -5.27
CA SER A 81 -5.65 7.79 -6.64
C SER A 81 -6.10 9.18 -7.13
N ALA A 82 -6.43 9.26 -8.42
CA ALA A 82 -7.01 10.40 -9.12
C ALA A 82 -7.93 9.81 -10.20
N GLU A 83 -9.25 10.04 -10.10
CA GLU A 83 -10.20 9.51 -11.07
C GLU A 83 -11.38 10.46 -11.17
N GLY A 84 -11.64 10.97 -12.38
CA GLY A 84 -12.74 11.88 -12.65
C GLY A 84 -12.83 13.05 -11.68
N GLY A 85 -11.69 13.68 -11.41
CA GLY A 85 -11.61 14.82 -10.49
C GLY A 85 -11.68 14.47 -9.02
N VAL A 86 -11.83 13.19 -8.69
CA VAL A 86 -11.93 12.70 -7.32
C VAL A 86 -10.56 12.23 -6.83
N VAL A 87 -9.97 12.93 -5.83
CA VAL A 87 -8.72 12.46 -5.26
C VAL A 87 -9.06 11.53 -4.11
N LYS A 88 -8.59 10.29 -4.18
CA LYS A 88 -8.80 9.35 -3.09
C LYS A 88 -7.45 9.01 -2.39
N LYS A 89 -7.47 8.85 -1.06
CA LYS A 89 -6.26 8.58 -0.29
C LYS A 89 -6.56 7.77 0.95
N ARG A 90 -5.72 6.79 1.24
CA ARG A 90 -5.85 6.02 2.45
C ARG A 90 -4.51 6.01 3.20
N ARG A 91 -4.53 6.29 4.50
CA ARG A 91 -3.31 6.28 5.31
C ARG A 91 -3.39 5.26 6.44
N LEU A 92 -2.23 4.67 6.76
CA LEU A 92 -2.02 3.69 7.81
C LEU A 92 -1.03 4.30 8.77
N TYR A 93 -1.36 4.30 10.05
CA TYR A 93 -0.52 4.84 11.09
C TYR A 93 -0.19 3.68 12.02
N ALA A 94 1.10 3.46 12.33
CA ALA A 94 1.46 2.33 13.17
C ALA A 94 2.58 2.64 14.13
N SER A 95 2.46 2.10 15.32
CA SER A 95 3.53 2.11 16.31
C SER A 95 3.44 0.79 17.10
N ALA A 96 4.22 0.63 18.19
CA ALA A 96 4.17 -0.57 19.00
C ALA A 96 2.77 -0.82 19.56
N GLY A 97 2.20 -1.99 19.22
CA GLY A 97 0.86 -2.36 19.72
C GLY A 97 -0.23 -1.35 19.36
N ASN A 98 0.03 -0.45 18.40
CA ASN A 98 -0.97 0.60 18.06
C ASN A 98 -1.09 0.73 16.55
N PHE A 99 -2.31 0.96 16.03
CA PHE A 99 -2.50 1.19 14.58
C PHE A 99 -3.80 1.97 14.34
N ALA A 100 -3.91 2.69 13.22
CA ALA A 100 -5.14 3.38 12.85
C ALA A 100 -5.16 3.49 11.31
N ILE A 101 -6.35 3.52 10.77
CA ILE A 101 -6.56 3.65 9.34
C ILE A 101 -7.47 4.85 9.09
N ALA A 102 -7.07 5.75 8.19
CA ALA A 102 -7.88 6.92 7.86
C ALA A 102 -8.01 7.06 6.34
N GLU A 103 -9.16 7.57 5.88
CA GLU A 103 -9.38 7.76 4.41
C GLU A 103 -9.62 9.24 4.16
N LEU A 104 -9.27 9.73 2.98
CA LEU A 104 -9.57 11.16 2.67
C LEU A 104 -11.00 11.22 2.14
N ILE A 105 -11.93 11.69 2.98
CA ILE A 105 -13.34 11.87 2.50
C ILE A 105 -13.47 13.36 2.22
N ASN A 106 -13.70 13.73 0.96
CA ASN A 106 -13.73 15.18 0.60
C ASN A 106 -12.39 15.78 1.03
N THR A 107 -12.41 16.83 1.87
CA THR A 107 -11.14 17.52 2.24
C THR A 107 -10.60 17.05 3.60
N GLU A 108 -11.23 16.06 4.25
CA GLU A 108 -10.79 15.65 5.61
C GLU A 108 -10.29 14.21 5.71
N MET A 109 -9.10 14.02 6.27
CA MET A 109 -8.57 12.68 6.48
C MET A 109 -9.33 12.16 7.70
N THR A 110 -10.17 11.16 7.49
CA THR A 110 -11.12 10.64 8.46
C THR A 110 -10.72 9.26 8.93
N LEU A 111 -10.67 9.06 10.24
CA LEU A 111 -10.34 7.80 10.87
C LEU A 111 -11.45 6.78 10.61
N THR A 112 -11.13 5.62 10.03
CA THR A 112 -12.14 4.59 9.76
C THR A 112 -11.98 3.39 10.68
N SER A 113 -10.78 3.13 11.18
CA SER A 113 -10.56 2.03 12.13
C SER A 113 -9.25 2.17 12.88
N GLN A 114 -9.08 1.34 13.90
CA GLN A 114 -7.87 1.27 14.70
C GLN A 114 -7.92 -0.01 15.51
N GLY A 115 -6.80 -0.35 16.11
CA GLY A 115 -6.71 -1.55 16.92
C GLY A 115 -5.47 -1.59 17.76
N LYS A 116 -5.48 -2.48 18.74
CA LYS A 116 -4.35 -2.69 19.63
C LYS A 116 -3.79 -4.12 19.41
N GLY A 117 -2.61 -4.39 19.92
CA GLY A 117 -2.02 -5.72 19.85
C GLY A 117 -1.32 -6.01 18.53
N SER A 118 -1.22 -7.29 18.18
CA SER A 118 -0.51 -7.70 16.99
C SER A 118 -1.39 -7.84 15.75
N ASN A 119 -0.89 -7.30 14.60
CA ASN A 119 -1.63 -7.27 13.34
C ASN A 119 -0.73 -7.22 12.09
N PHE A 120 -1.25 -7.67 10.97
CA PHE A 120 -0.62 -7.54 9.67
C PHE A 120 -1.64 -6.83 8.81
N ILE A 121 -1.24 -5.72 8.19
CA ILE A 121 -2.21 -4.91 7.39
C ILE A 121 -1.66 -4.73 5.98
N ALA A 122 -2.43 -5.13 4.96
CA ALA A 122 -1.99 -5.00 3.56
C ALA A 122 -2.87 -3.99 2.81
N PHE A 123 -2.26 -2.97 2.19
CA PHE A 123 -3.01 -1.99 1.38
C PHE A 123 -2.64 -2.27 -0.08
N GLY A 124 -3.63 -2.50 -0.94
CA GLY A 124 -3.34 -2.72 -2.37
C GLY A 124 -4.57 -3.13 -3.14
N ASN A 125 -4.41 -3.45 -4.42
CA ASN A 125 -5.54 -3.96 -5.22
C ASN A 125 -5.84 -5.40 -4.70
N GLU A 126 -6.96 -6.01 -5.12
CA GLU A 126 -7.31 -7.36 -4.64
C GLU A 126 -6.20 -8.39 -4.89
N PHE A 127 -5.49 -8.30 -6.02
CA PHE A 127 -4.40 -9.21 -6.32
C PHE A 127 -3.17 -9.05 -5.38
N THR A 128 -2.60 -7.81 -5.29
CA THR A 128 -1.42 -7.58 -4.44
C THR A 128 -1.71 -7.88 -2.98
N LYS A 129 -2.93 -7.61 -2.50
CA LYS A 129 -3.34 -7.94 -1.14
C LYS A 129 -3.34 -9.45 -0.89
N GLN A 130 -3.92 -10.25 -1.81
CA GLN A 130 -3.99 -11.70 -1.60
C GLN A 130 -2.59 -12.32 -1.65
N VAL A 131 -1.72 -11.81 -2.53
CA VAL A 131 -0.35 -12.33 -2.66
C VAL A 131 0.46 -12.02 -1.38
N ALA A 132 0.39 -10.78 -0.88
CA ALA A 132 1.13 -10.39 0.33
C ALA A 132 0.59 -11.14 1.54
N ASN A 133 -0.75 -11.27 1.65
CA ASN A 133 -1.36 -11.99 2.75
C ASN A 133 -0.92 -13.47 2.72
N LYS A 134 -0.87 -14.08 1.53
CA LYS A 134 -0.41 -15.46 1.39
C LYS A 134 1.06 -15.60 1.80
N CYS A 135 1.93 -14.72 1.33
CA CYS A 135 3.33 -14.71 1.72
C CYS A 135 3.49 -14.53 3.25
N PHE A 136 2.76 -13.58 3.88
CA PHE A 136 2.87 -13.40 5.34
C PHE A 136 2.47 -14.66 6.13
N LYS A 137 1.25 -15.18 5.90
CA LYS A 137 0.74 -16.38 6.59
C LYS A 137 1.68 -17.58 6.40
N ASP A 138 2.31 -17.68 5.23
CA ASP A 138 3.25 -18.75 4.94
C ASP A 138 4.54 -18.68 5.74
N ASN A 139 5.08 -17.48 6.03
CA ASN A 139 6.37 -17.40 6.72
C ASN A 139 6.31 -16.99 8.18
N TRP A 140 5.26 -16.32 8.61
CA TRP A 140 5.13 -15.89 10.00
C TRP A 140 4.86 -17.04 10.94
N THR A 141 5.57 -17.04 12.07
CA THR A 141 5.40 -18.01 13.15
C THR A 141 4.97 -17.25 14.42
N LYS A 142 4.18 -17.91 15.29
CA LYS A 142 3.63 -17.33 16.51
C LYS A 142 4.62 -16.53 17.37
N LYS A 143 5.83 -17.05 17.65
CA LYS A 143 6.76 -16.30 18.51
C LYS A 143 7.81 -15.50 17.73
N SER A 144 7.52 -15.16 16.45
CA SER A 144 8.45 -14.36 15.66
C SER A 144 8.54 -12.94 16.20
N ASN A 145 9.73 -12.35 16.12
CA ASN A 145 9.95 -11.00 16.62
C ASN A 145 9.89 -9.93 15.50
N LEU A 146 10.18 -8.69 15.86
CA LEU A 146 10.17 -7.57 14.93
C LEU A 146 11.26 -7.72 13.86
N GLN A 147 12.39 -8.35 14.19
CA GLN A 147 13.46 -8.58 13.22
C GLN A 147 13.06 -9.58 12.14
N ASP A 148 12.35 -10.65 12.53
CA ASP A 148 11.82 -11.63 11.57
C ASP A 148 10.79 -10.93 10.68
N ALA A 149 9.94 -10.04 11.26
CA ALA A 149 8.96 -9.29 10.49
C ALA A 149 9.62 -8.46 9.39
N VAL A 150 10.82 -7.92 9.62
CA VAL A 150 11.54 -7.17 8.58
C VAL A 150 11.83 -8.08 7.37
N LYS A 151 12.46 -9.25 7.61
CA LYS A 151 12.74 -10.23 6.55
C LYS A 151 11.46 -10.63 5.80
N ILE A 152 10.38 -10.93 6.55
CA ILE A 152 9.10 -11.34 5.94
C ILE A 152 8.54 -10.25 5.02
N LEU A 153 8.48 -8.99 5.49
CA LEU A 153 7.95 -7.91 4.66
C LEU A 153 8.80 -7.71 3.42
N ILE A 154 10.12 -7.93 3.49
CA ILE A 154 10.99 -7.83 2.32
C ILE A 154 10.61 -8.92 1.31
N LEU A 155 10.41 -10.14 1.82
CA LEU A 155 9.97 -11.25 0.96
C LEU A 155 8.57 -10.96 0.34
N CYS A 156 7.63 -10.35 1.10
CA CYS A 156 6.29 -10.02 0.58
C CYS A 156 6.41 -9.04 -0.58
N MET A 157 7.22 -7.97 -0.38
CA MET A 157 7.43 -6.92 -1.36
C MET A 157 8.12 -7.46 -2.62
N GLU A 158 9.06 -8.41 -2.46
CA GLU A 158 9.75 -8.99 -3.62
C GLU A 158 8.83 -9.94 -4.41
N THR A 159 8.06 -10.75 -3.70
CA THR A 159 7.14 -11.69 -4.33
C THR A 159 6.05 -10.94 -5.12
N VAL A 160 5.53 -9.84 -4.56
CA VAL A 160 4.50 -9.07 -5.27
C VAL A 160 5.05 -8.42 -6.55
N ALA A 161 6.26 -7.82 -6.48
CA ALA A 161 6.84 -7.15 -7.66
C ALA A 161 7.18 -8.12 -8.79
N ARG A 162 7.41 -9.39 -8.46
CA ARG A 162 7.65 -10.43 -9.44
C ARG A 162 6.36 -10.84 -10.16
N LYS A 163 5.19 -10.61 -9.57
CA LYS A 163 3.93 -11.06 -10.12
C LYS A 163 3.10 -10.01 -10.83
N THR A 164 3.43 -8.71 -10.67
CA THR A 164 2.63 -7.65 -11.29
C THR A 164 3.44 -6.42 -11.62
N ALA A 165 3.01 -5.73 -12.69
CA ALA A 165 3.61 -4.48 -13.11
C ALA A 165 2.92 -3.25 -12.43
N SER A 166 1.93 -3.50 -11.54
CA SER A 166 1.28 -2.44 -10.76
C SER A 166 2.13 -2.02 -9.55
N VAL A 167 3.20 -2.76 -9.23
CA VAL A 167 4.14 -2.48 -8.16
C VAL A 167 5.56 -2.36 -8.77
N SER A 168 6.45 -1.55 -8.18
CA SER A 168 7.83 -1.43 -8.65
C SER A 168 8.69 -2.46 -7.92
N LYS A 169 9.85 -2.79 -8.51
CA LYS A 169 10.80 -3.72 -7.83
C LYS A 169 11.39 -3.00 -6.60
N GLN A 170 11.66 -1.69 -6.73
CA GLN A 170 12.19 -0.91 -5.61
C GLN A 170 11.11 -0.69 -4.56
N PHE A 171 11.51 -0.71 -3.29
CA PHE A 171 10.58 -0.47 -2.19
C PHE A 171 11.30 0.15 -1.00
N MET A 172 10.53 0.65 -0.04
CA MET A 172 11.07 1.27 1.17
C MET A 172 10.62 0.52 2.40
N ILE A 173 11.40 0.60 3.47
CA ILE A 173 11.01 0.03 4.73
C ILE A 173 11.36 0.98 5.86
N VAL A 174 10.38 1.27 6.71
CA VAL A 174 10.54 2.10 7.91
C VAL A 174 10.16 1.25 9.10
N GLN A 175 10.82 1.46 10.25
CA GLN A 175 10.50 0.70 11.44
C GLN A 175 10.65 1.53 12.69
N THR A 176 9.91 1.14 13.73
CA THR A 176 9.97 1.85 14.99
C THR A 176 9.77 0.90 16.16
N ALA A 177 10.37 1.27 17.26
CA ALA A 177 10.23 0.59 18.55
C ALA A 177 9.32 1.41 19.52
N SER A 178 8.98 2.65 19.15
CA SER A 178 8.19 3.58 19.92
C SER A 178 6.74 3.11 20.07
N ASN A 179 6.14 3.42 21.21
CA ASN A 179 4.73 3.11 21.42
C ASN A 179 3.90 4.39 21.43
N ALA A 180 4.32 5.42 20.67
CA ALA A 180 3.57 6.68 20.58
C ALA A 180 2.16 6.42 20.07
N ASP A 181 1.19 7.15 20.62
CA ASP A 181 -0.21 6.96 20.25
C ASP A 181 -0.43 7.46 18.81
N VAL A 182 -0.85 6.55 17.92
CA VAL A 182 -1.09 6.91 16.53
C VAL A 182 -2.29 7.87 16.40
N LEU A 183 -3.31 7.74 17.28
CA LEU A 183 -4.52 8.57 17.23
C LEU A 183 -4.19 10.07 17.29
N LYS A 184 -3.09 10.43 17.96
CA LYS A 184 -2.57 11.80 18.07
C LYS A 184 -2.22 12.34 16.67
N VAL A 185 -1.51 11.50 15.87
CA VAL A 185 -1.07 11.83 14.51
C VAL A 185 -2.26 11.97 13.56
N VAL A 186 -3.24 11.04 13.65
CA VAL A 186 -4.47 11.08 12.85
C VAL A 186 -5.22 12.40 13.15
N GLU A 187 -5.22 12.86 14.41
CA GLU A 187 -5.89 14.15 14.75
C GLU A 187 -5.17 15.31 14.06
N LYS A 188 -3.84 15.36 14.16
CA LYS A 188 -3.04 16.39 13.50
C LYS A 188 -3.35 16.47 11.99
N ASP A 189 -3.52 15.31 11.32
CA ASP A 189 -3.86 15.26 9.91
C ASP A 189 -5.31 15.63 9.62
N ARG A 190 -6.24 15.37 10.56
CA ARG A 190 -7.69 15.61 10.39
C ARG A 190 -8.01 16.89 9.62
N ASN A 191 -7.39 17.99 10.03
CA ASN A 191 -7.55 19.28 9.29
C ASN A 191 -6.45 19.34 8.23
N SER A 192 -6.76 19.80 7.00
CA SER A 192 -5.83 19.91 5.87
C SER A 192 -5.17 18.56 5.54
N ALA B 4 -5.25 10.44 -14.53
CA ALA B 4 -5.53 9.25 -13.70
C ALA B 4 -4.31 8.90 -12.85
N SER B 5 -4.00 9.71 -11.84
CA SER B 5 -2.71 9.54 -11.11
C SER B 5 -2.63 8.35 -10.15
N LYS B 6 -1.57 7.56 -10.31
CA LYS B 6 -1.23 6.43 -9.39
C LYS B 6 -1.85 5.10 -9.83
N ASP B 7 -1.16 4.02 -9.44
CA ASP B 7 -1.54 2.62 -9.74
C ASP B 7 -2.19 1.89 -8.55
N PRO B 8 -2.80 2.51 -7.50
CA PRO B 8 -3.35 1.76 -6.40
C PRO B 8 -4.85 1.55 -6.40
N GLY B 9 -5.26 0.28 -6.40
CA GLY B 9 -6.70 0.02 -6.18
C GLY B 9 -6.79 0.00 -4.68
N ALA B 10 -5.66 0.24 -4.03
CA ALA B 10 -5.57 0.26 -2.56
C ALA B 10 -6.48 1.35 -2.02
N VAL B 11 -6.66 2.47 -2.72
CA VAL B 11 -7.63 3.52 -2.31
C VAL B 11 -9.07 3.02 -2.48
N ASP B 12 -9.36 2.25 -3.53
CA ASP B 12 -10.75 1.80 -3.81
C ASP B 12 -11.00 0.48 -3.08
N ALA B 13 -10.32 -0.59 -3.49
CA ALA B 13 -10.41 -1.89 -2.80
C ALA B 13 -10.17 -1.64 -1.30
N LYS B 14 -10.84 -2.38 -0.41
CA LYS B 14 -10.68 -2.15 1.03
C LYS B 14 -9.37 -2.73 1.63
N PRO B 15 -8.83 -2.12 2.69
CA PRO B 15 -7.58 -2.63 3.26
C PRO B 15 -7.76 -3.99 3.91
N LEU B 16 -6.74 -4.82 3.81
CA LEU B 16 -6.74 -6.13 4.43
C LEU B 16 -6.18 -5.98 5.85
N VAL B 17 -6.94 -6.44 6.87
CA VAL B 17 -6.52 -6.38 8.28
C VAL B 17 -6.55 -7.80 8.86
N VAL B 18 -5.39 -8.33 9.20
CA VAL B 18 -5.28 -9.68 9.75
C VAL B 18 -4.89 -9.60 11.23
N GLU B 19 -5.69 -10.22 12.11
CA GLU B 19 -5.40 -10.20 13.54
C GLU B 19 -4.36 -11.26 13.85
N ILE B 20 -3.40 -10.94 14.72
CA ILE B 20 -2.34 -11.89 15.07
C ILE B 20 -2.32 -12.22 16.57
#